data_9GW4
#
_entry.id   9GW4
#
_cell.length_a   93.036
_cell.length_b   60.918
_cell.length_c   119.011
_cell.angle_alpha   90.00
_cell.angle_beta   102.13
_cell.angle_gamma   90.00
#
_symmetry.space_group_name_H-M   'C 1 2 1'
#
loop_
_entity.id
_entity.type
_entity.pdbx_description
1 polymer 'Peroxisome proliferator-activated receptor gamma'
2 non-polymer '4-[5-chloranyl-1-[2-chloranyl-6-(trifluoromethyl)phenyl]carbonyl-indazol-3-yl]-3-[(2,3-dimethoxyphenyl)methoxy]benzoic acid'
3 water water
#
_entity_poly.entity_id   1
_entity_poly.type   'polypeptide(L)'
_entity_poly.pdbx_seq_one_letter_code
;GSHMESADLRALAKHLYDSYIKSFPLTKAKARAILTGKTTDKSPFVIYDMNSLMMGEDKIKFKHITPLQEQSKEVAIRIF
QGCQFRSVEAVQEITEYAKSIPGFVNLDLNDQVTLLKYGVHEIIYTMLASLMNKDGVLISEGQGFMTREFLKSLRKPFGD
FMEPKFEFAVKFNALELDDSDLAIFIAVIILSGDRPGLLNVKPIEDIQDNLLQALELQLKLNHPESSQLFAKLLQKMTDL
RQIVTEHVQLLQVIKKTETDMSLHPLLQEIYKDLY
;
_entity_poly.pdbx_strand_id   A,B
#
loop_
_chem_comp.id
_chem_comp.type
_chem_comp.name
_chem_comp.formula
A1IPS non-polymer '4-[5-chloranyl-1-[2-chloranyl-6-(trifluoromethyl)phenyl]carbonyl-indazol-3-yl]-3-[(2,3-dimethoxyphenyl)methoxy]benzoic acid' 'C31 H21 Cl2 F3 N2 O6'
#
# COMPACT_ATOMS: atom_id res chain seq x y z
N MET A 4 15.13 7.93 20.61
CA MET A 4 15.51 6.50 20.79
C MET A 4 15.45 6.10 22.26
N GLU A 5 15.37 7.07 23.19
CA GLU A 5 15.16 6.76 24.60
C GLU A 5 13.66 6.80 24.89
N SER A 6 13.16 5.78 25.60
CA SER A 6 11.78 5.69 26.00
C SER A 6 11.20 7.06 26.39
N ALA A 7 11.87 7.75 27.32
CA ALA A 7 11.33 8.97 27.88
C ALA A 7 11.15 10.04 26.81
N ASP A 8 12.08 10.08 25.85
CA ASP A 8 12.00 11.03 24.74
C ASP A 8 10.87 10.66 23.77
N LEU A 9 10.59 9.36 23.62
CA LEU A 9 9.51 8.87 22.78
C LEU A 9 8.16 9.20 23.43
N ARG A 10 8.08 9.05 24.74
CA ARG A 10 6.87 9.39 25.46
C ARG A 10 6.64 10.89 25.42
N ALA A 11 7.72 11.67 25.55
CA ALA A 11 7.65 13.13 25.50
C ALA A 11 7.14 13.58 24.13
N LEU A 12 7.62 12.93 23.07
CA LEU A 12 7.20 13.22 21.70
C LEU A 12 5.72 12.84 21.52
N ALA A 13 5.31 11.72 22.10
CA ALA A 13 3.92 11.27 22.04
C ALA A 13 3.01 12.30 22.72
N LYS A 14 3.41 12.74 23.91
CA LYS A 14 2.65 13.73 24.67
C LYS A 14 2.54 15.01 23.86
N HIS A 15 3.67 15.46 23.29
CA HIS A 15 3.73 16.68 22.51
C HIS A 15 2.75 16.63 21.33
N LEU A 16 2.71 15.51 20.61
CA LEU A 16 1.88 15.39 19.41
C LEU A 16 0.40 15.33 19.79
N TYR A 17 0.07 14.52 20.81
CA TYR A 17 -1.30 14.42 21.32
C TYR A 17 -1.81 15.81 21.71
N ASP A 18 -1.04 16.54 22.53
CA ASP A 18 -1.38 17.89 22.97
C ASP A 18 -1.67 18.80 21.77
N SER A 19 -0.87 18.67 20.71
CA SER A 19 -0.96 19.53 19.54
C SER A 19 -2.15 19.15 18.66
N TYR A 20 -2.44 17.85 18.61
CA TYR A 20 -3.59 17.31 17.89
C TYR A 20 -4.87 17.90 18.49
N ILE A 21 -4.98 17.88 19.82
CA ILE A 21 -6.12 18.47 20.53
C ILE A 21 -6.27 19.94 20.14
N LYS A 22 -5.15 20.66 20.04
CA LYS A 22 -5.21 22.09 19.76
C LYS A 22 -5.67 22.36 18.33
N SER A 23 -5.33 21.47 17.38
CA SER A 23 -5.47 21.77 15.96
C SER A 23 -6.80 21.29 15.40
N PHE A 24 -7.36 20.23 15.95
CA PHE A 24 -8.55 19.61 15.39
C PHE A 24 -9.75 19.90 16.28
N PRO A 25 -10.88 20.39 15.72
CA PRO A 25 -12.04 20.80 16.54
C PRO A 25 -12.78 19.65 17.24
N LEU A 26 -12.91 18.53 16.54
CA LEU A 26 -13.71 17.43 17.03
C LEU A 26 -12.85 16.18 17.10
N THR A 27 -12.48 15.78 18.32
CA THR A 27 -11.68 14.61 18.58
C THR A 27 -12.52 13.35 18.42
N LYS A 28 -11.84 12.21 18.35
CA LYS A 28 -12.51 10.93 18.32
C LYS A 28 -13.23 10.68 19.64
N ALA A 29 -12.64 11.07 20.78
CA ALA A 29 -13.27 10.87 22.07
C ALA A 29 -14.62 11.59 22.17
N LYS A 30 -14.67 12.83 21.66
CA LYS A 30 -15.92 13.56 21.62
C LYS A 30 -16.89 12.89 20.66
N ALA A 31 -16.43 12.57 19.46
CA ALA A 31 -17.25 11.91 18.46
C ALA A 31 -17.89 10.63 19.00
N ARG A 32 -17.14 9.81 19.72
CA ARG A 32 -17.67 8.57 20.27
C ARG A 32 -18.71 8.85 21.36
N ALA A 33 -18.51 9.91 22.14
CA ALA A 33 -19.45 10.22 23.18
C ALA A 33 -20.79 10.60 22.56
N ILE A 34 -20.76 11.33 21.42
CA ILE A 34 -21.96 11.76 20.74
C ILE A 34 -22.64 10.55 20.10
N LEU A 35 -21.88 9.71 19.40
CA LEU A 35 -22.44 8.61 18.61
C LEU A 35 -23.07 7.54 19.48
N THR A 36 -22.40 7.18 20.58
CA THR A 36 -22.87 6.17 21.51
C THR A 36 -23.94 6.76 22.41
N GLY A 37 -24.10 8.08 22.32
CA GLY A 37 -25.21 8.78 22.93
C GLY A 37 -25.13 8.63 24.45
N LYS A 38 -26.25 8.16 25.02
CA LYS A 38 -26.44 8.07 26.46
C LYS A 38 -26.19 9.44 27.07
N THR A 39 -26.51 10.51 26.33
CA THR A 39 -26.26 11.89 26.73
C THR A 39 -27.39 12.77 26.19
N THR A 40 -28.08 13.50 27.08
CA THR A 40 -29.13 14.43 26.64
C THR A 40 -28.52 15.64 25.91
N ASP A 41 -27.33 16.09 26.34
CA ASP A 41 -26.82 17.41 25.94
C ASP A 41 -26.14 17.39 24.56
N LYS A 42 -25.51 16.27 24.18
CA LYS A 42 -24.67 16.23 22.99
C LYS A 42 -25.42 15.57 21.84
N SER A 43 -26.76 15.58 21.84
CA SER A 43 -27.54 14.76 20.92
C SER A 43 -27.60 15.43 19.55
N PRO A 44 -27.25 14.70 18.45
CA PRO A 44 -27.30 15.28 17.11
C PRO A 44 -28.68 15.20 16.46
N PHE A 45 -28.99 16.21 15.65
CA PHE A 45 -30.10 16.14 14.71
C PHE A 45 -29.73 15.16 13.61
N VAL A 46 -30.65 14.25 13.24
CA VAL A 46 -30.32 13.19 12.30
C VAL A 46 -31.01 13.47 10.96
N ILE A 47 -30.21 13.42 9.87
CA ILE A 47 -30.64 13.64 8.50
C ILE A 47 -30.59 12.30 7.77
N TYR A 48 -31.76 11.80 7.38
CA TYR A 48 -31.90 10.46 6.85
C TYR A 48 -32.66 10.51 5.51
N ASP A 49 -33.16 11.70 5.14
CA ASP A 49 -33.91 11.91 3.90
C ASP A 49 -34.02 13.42 3.62
N MET A 50 -34.79 13.75 2.56
CA MET A 50 -34.83 15.12 2.04
C MET A 50 -35.50 16.06 3.02
N ASN A 51 -36.61 15.63 3.60
CA ASN A 51 -37.36 16.53 4.46
C ASN A 51 -36.50 16.86 5.67
N SER A 52 -35.83 15.83 6.23
CA SER A 52 -35.05 16.03 7.44
C SER A 52 -33.83 16.90 7.13
N LEU A 53 -33.34 16.86 5.89
CA LEU A 53 -32.30 17.78 5.46
C LEU A 53 -32.82 19.22 5.57
N MET A 54 -33.98 19.49 4.96
CA MET A 54 -34.60 20.81 4.98
C MET A 54 -34.80 21.29 6.41
N MET A 55 -35.14 20.39 7.34
CA MET A 55 -35.38 20.77 8.74
C MET A 55 -34.07 20.97 9.49
N GLY A 56 -33.05 20.20 9.10
CA GLY A 56 -31.74 20.25 9.72
C GLY A 56 -31.05 21.60 9.54
N GLU A 57 -31.31 22.26 8.40
CA GLU A 57 -30.69 23.55 8.10
C GLU A 57 -31.29 24.63 9.01
N ASP A 58 -32.60 24.53 9.29
CA ASP A 58 -33.28 25.44 10.20
C ASP A 58 -32.83 25.18 11.65
N LYS A 59 -32.30 23.98 11.93
CA LYS A 59 -31.94 23.56 13.28
C LYS A 59 -30.45 23.79 13.55
N ILE A 60 -29.57 23.03 12.87
CA ILE A 60 -28.15 23.02 13.14
C ILE A 60 -27.53 24.40 12.85
N GLU A 74 -29.98 21.57 -6.26
CA GLU A 74 -30.05 20.07 -6.23
C GLU A 74 -29.25 19.52 -5.04
N VAL A 75 -29.83 18.52 -4.38
CA VAL A 75 -29.42 18.08 -3.05
C VAL A 75 -28.02 17.47 -3.08
N ALA A 76 -27.74 16.63 -4.08
CA ALA A 76 -26.48 15.91 -4.11
C ALA A 76 -25.33 16.89 -4.26
N ILE A 77 -25.57 17.98 -5.01
CA ILE A 77 -24.56 18.99 -5.25
C ILE A 77 -24.30 19.74 -3.95
N ARG A 78 -25.38 20.13 -3.25
CA ARG A 78 -25.26 20.96 -2.07
C ARG A 78 -24.52 20.21 -0.96
N ILE A 79 -24.80 18.90 -0.83
CA ILE A 79 -24.10 18.04 0.10
C ILE A 79 -22.64 17.96 -0.33
N PHE A 80 -22.42 17.83 -1.64
CA PHE A 80 -21.07 17.67 -2.16
C PHE A 80 -20.24 18.89 -1.79
N GLN A 81 -20.81 20.09 -2.01
CA GLN A 81 -20.11 21.34 -1.73
C GLN A 81 -19.95 21.53 -0.22
N GLY A 82 -20.78 20.85 0.57
CA GLY A 82 -20.63 20.85 2.01
C GLY A 82 -19.35 20.13 2.43
N CYS A 83 -19.20 18.89 1.95
CA CYS A 83 -18.01 18.08 2.18
C CYS A 83 -16.75 18.80 1.70
N GLN A 84 -16.87 19.54 0.60
CA GLN A 84 -15.75 20.23 -0.02
C GLN A 84 -15.24 21.34 0.88
N PHE A 85 -16.15 22.13 1.47
CA PHE A 85 -15.79 23.22 2.39
C PHE A 85 -15.15 22.64 3.65
N ARG A 86 -15.72 21.56 4.18
CA ARG A 86 -15.15 20.89 5.33
C ARG A 86 -13.74 20.35 5.01
N SER A 87 -13.53 19.83 3.79
CA SER A 87 -12.25 19.23 3.45
C SER A 87 -11.19 20.32 3.37
N VAL A 88 -11.58 21.50 2.86
CA VAL A 88 -10.70 22.65 2.80
C VAL A 88 -10.27 23.04 4.20
N GLU A 89 -11.23 23.08 5.12
CA GLU A 89 -10.94 23.39 6.51
C GLU A 89 -10.00 22.33 7.08
N ALA A 90 -10.20 21.07 6.71
CA ALA A 90 -9.41 19.99 7.28
C ALA A 90 -7.95 20.14 6.82
N VAL A 91 -7.76 20.51 5.56
CA VAL A 91 -6.42 20.78 5.03
C VAL A 91 -5.73 21.83 5.90
N GLN A 92 -6.44 22.92 6.19
CA GLN A 92 -5.96 23.99 7.05
C GLN A 92 -5.55 23.47 8.41
N GLU A 93 -6.40 22.62 9.01
CA GLU A 93 -6.14 22.10 10.34
C GLU A 93 -4.93 21.17 10.32
N ILE A 94 -4.84 20.32 9.30
CA ILE A 94 -3.73 19.39 9.15
C ILE A 94 -2.45 20.17 8.93
N THR A 95 -2.54 21.25 8.14
CA THR A 95 -1.36 22.08 7.87
C THR A 95 -0.85 22.68 9.18
N GLU A 96 -1.75 23.10 10.05
CA GLU A 96 -1.35 23.69 11.32
C GLU A 96 -0.72 22.62 12.22
N TYR A 97 -1.34 21.44 12.24
CA TYR A 97 -0.80 20.31 12.99
C TYR A 97 0.61 19.95 12.52
N ALA A 98 0.81 19.89 11.19
CA ALA A 98 2.08 19.52 10.59
C ALA A 98 3.21 20.39 11.11
N LYS A 99 2.99 21.70 11.15
CA LYS A 99 3.98 22.65 11.60
C LYS A 99 4.47 22.33 13.02
N SER A 100 3.67 21.65 13.83
CA SER A 100 4.05 21.35 15.19
C SER A 100 4.91 20.09 15.26
N ILE A 101 5.00 19.31 14.18
CA ILE A 101 5.76 18.08 14.23
C ILE A 101 7.25 18.45 14.23
N PRO A 102 8.02 18.08 15.28
CA PRO A 102 9.42 18.49 15.38
C PRO A 102 10.20 18.14 14.11
N GLY A 103 10.81 19.16 13.52
CA GLY A 103 11.64 19.02 12.33
C GLY A 103 10.93 19.47 11.04
N PHE A 104 9.61 19.46 11.02
CA PHE A 104 8.90 19.64 9.76
C PHE A 104 9.16 21.03 9.17
N VAL A 105 9.03 22.07 9.98
CA VAL A 105 9.15 23.43 9.45
C VAL A 105 10.60 23.69 9.05
N ASN A 106 11.54 22.86 9.52
CA ASN A 106 12.96 23.02 9.20
C ASN A 106 13.33 22.44 7.84
N LEU A 107 12.46 21.60 7.26
CA LEU A 107 12.75 20.94 6.00
C LEU A 107 12.71 22.00 4.90
N ASP A 108 13.33 21.67 3.77
CA ASP A 108 13.17 22.41 2.52
C ASP A 108 11.70 22.72 2.27
N LEU A 109 11.45 23.98 1.90
CA LEU A 109 10.11 24.50 1.81
C LEU A 109 9.31 23.75 0.74
N ASN A 110 9.98 23.35 -0.36
CA ASN A 110 9.31 22.63 -1.44
C ASN A 110 8.86 21.25 -0.93
N ASP A 111 9.70 20.64 -0.10
CA ASP A 111 9.38 19.35 0.46
C ASP A 111 8.17 19.47 1.39
N GLN A 112 8.12 20.55 2.18
CA GLN A 112 7.01 20.80 3.06
C GLN A 112 5.73 20.79 2.26
N VAL A 113 5.73 21.50 1.12
CA VAL A 113 4.55 21.56 0.27
C VAL A 113 4.20 20.17 -0.28
N THR A 114 5.20 19.47 -0.82
CA THR A 114 5.01 18.13 -1.37
C THR A 114 4.48 17.13 -0.32
N LEU A 115 5.02 17.17 0.90
CA LEU A 115 4.57 16.27 1.96
C LEU A 115 3.10 16.51 2.26
N LEU A 116 2.70 17.78 2.34
CA LEU A 116 1.31 18.16 2.59
C LEU A 116 0.43 17.78 1.42
N LYS A 117 0.88 18.10 0.21
CA LYS A 117 0.12 17.82 -0.99
C LYS A 117 -0.31 16.35 -1.06
N TYR A 118 0.59 15.43 -0.71
CA TYR A 118 0.32 14.00 -0.86
C TYR A 118 -0.26 13.42 0.43
N GLY A 119 -0.10 14.12 1.55
CA GLY A 119 -0.46 13.57 2.84
C GLY A 119 -1.90 13.90 3.27
N VAL A 120 -2.45 15.02 2.79
CA VAL A 120 -3.67 15.56 3.39
C VAL A 120 -4.83 14.60 3.10
N HIS A 121 -4.92 14.07 1.89
CA HIS A 121 -6.02 13.20 1.54
C HIS A 121 -6.02 11.97 2.43
N GLU A 122 -4.85 11.37 2.63
CA GLU A 122 -4.76 10.17 3.45
C GLU A 122 -5.20 10.47 4.88
N ILE A 123 -4.90 11.68 5.35
CA ILE A 123 -5.20 12.08 6.71
C ILE A 123 -6.70 12.38 6.87
N ILE A 124 -7.32 12.97 5.86
CA ILE A 124 -8.72 13.32 5.90
C ILE A 124 -9.52 12.04 6.05
N TYR A 125 -9.18 11.04 5.24
CA TYR A 125 -9.86 9.75 5.30
C TYR A 125 -9.70 9.10 6.67
N THR A 126 -8.47 9.10 7.19
CA THR A 126 -8.16 8.52 8.49
C THR A 126 -9.01 9.15 9.60
N MET A 127 -9.14 10.48 9.56
CA MET A 127 -9.75 11.23 10.64
C MET A 127 -11.25 11.30 10.47
N LEU A 128 -11.71 11.19 9.22
CA LEU A 128 -13.13 11.04 8.94
C LEU A 128 -13.71 9.79 9.58
N ALA A 129 -12.92 8.73 9.67
CA ALA A 129 -13.35 7.48 10.29
C ALA A 129 -13.71 7.70 11.76
N SER A 130 -12.96 8.56 12.46
CA SER A 130 -13.28 8.96 13.84
C SER A 130 -14.71 9.47 13.99
N LEU A 131 -15.27 10.10 12.95
CA LEU A 131 -16.59 10.71 12.99
C LEU A 131 -17.68 9.76 12.50
N MET A 132 -17.32 8.51 12.17
CA MET A 132 -18.20 7.61 11.46
C MET A 132 -18.51 6.38 12.32
N ASN A 133 -19.70 5.80 12.15
CA ASN A 133 -19.93 4.39 12.45
C ASN A 133 -20.61 3.76 11.25
N LYS A 134 -21.06 2.52 11.39
CA LYS A 134 -21.56 1.79 10.23
C LYS A 134 -22.79 2.47 9.62
N ASP A 135 -23.49 3.32 10.38
CA ASP A 135 -24.78 3.85 9.98
C ASP A 135 -24.73 5.35 9.62
N GLY A 136 -23.61 6.06 9.83
CA GLY A 136 -23.51 7.44 9.37
C GLY A 136 -22.31 8.22 9.92
N VAL A 137 -22.35 9.55 9.75
CA VAL A 137 -21.20 10.41 9.93
C VAL A 137 -21.62 11.68 10.65
N LEU A 138 -20.82 12.11 11.64
CA LEU A 138 -21.06 13.37 12.32
C LEU A 138 -20.75 14.55 11.41
N ILE A 139 -21.54 15.63 11.49
CA ILE A 139 -21.30 16.83 10.70
C ILE A 139 -21.50 18.04 11.59
N SER A 140 -21.13 19.21 11.07
CA SER A 140 -21.27 20.48 11.79
C SER A 140 -20.80 20.33 13.23
N GLU A 141 -19.54 19.92 13.38
CA GLU A 141 -18.86 19.82 14.68
C GLU A 141 -19.67 18.96 15.64
N GLY A 142 -20.30 17.91 15.13
CA GLY A 142 -21.02 16.97 15.98
C GLY A 142 -22.49 17.32 16.17
N GLN A 143 -22.95 18.48 15.70
CA GLN A 143 -24.32 18.91 15.95
C GLN A 143 -25.30 18.14 15.08
N GLY A 144 -24.82 17.50 14.02
CA GLY A 144 -25.65 16.77 13.09
C GLY A 144 -25.10 15.36 12.89
N PHE A 145 -25.93 14.50 12.29
CA PHE A 145 -25.52 13.17 11.86
C PHE A 145 -26.30 12.85 10.60
N MET A 146 -25.57 12.57 9.53
CA MET A 146 -26.21 12.21 8.28
C MET A 146 -25.99 10.71 8.07
N THR A 147 -27.07 10.01 7.66
CA THR A 147 -27.03 8.55 7.61
C THR A 147 -26.30 8.11 6.36
N ARG A 148 -25.69 6.94 6.47
CA ARG A 148 -25.00 6.30 5.36
C ARG A 148 -25.96 5.96 4.23
N GLU A 149 -27.15 5.43 4.55
CA GLU A 149 -28.12 5.02 3.54
C GLU A 149 -28.56 6.25 2.73
N PHE A 150 -28.77 7.39 3.39
CA PHE A 150 -29.14 8.58 2.65
C PHE A 150 -28.03 8.96 1.67
N LEU A 151 -26.79 9.05 2.15
CA LEU A 151 -25.66 9.48 1.33
C LEU A 151 -25.51 8.54 0.14
N LYS A 152 -25.60 7.23 0.41
CA LYS A 152 -25.44 6.22 -0.61
C LYS A 152 -26.56 6.32 -1.66
N SER A 153 -27.71 6.89 -1.30
CA SER A 153 -28.87 6.92 -2.18
C SER A 153 -28.90 8.19 -3.02
N LEU A 154 -27.87 9.05 -2.90
CA LEU A 154 -27.78 10.22 -3.76
C LEU A 154 -27.54 9.75 -5.19
N ARG A 155 -27.92 10.59 -6.15
CA ARG A 155 -28.06 10.16 -7.53
C ARG A 155 -26.70 10.05 -8.23
N LYS A 156 -26.74 9.42 -9.42
CA LYS A 156 -25.71 9.50 -10.44
C LYS A 156 -24.38 9.03 -9.85
N PRO A 157 -23.25 9.76 -9.96
CA PRO A 157 -22.00 9.29 -9.37
C PRO A 157 -21.85 9.60 -7.87
N PHE A 158 -22.70 10.50 -7.34
CA PHE A 158 -22.52 11.01 -5.97
C PHE A 158 -22.75 9.94 -4.90
N GLY A 159 -23.77 9.10 -5.04
CA GLY A 159 -24.00 8.05 -4.06
C GLY A 159 -22.76 7.18 -3.86
N ASP A 160 -22.19 6.72 -4.99
CA ASP A 160 -21.05 5.80 -5.00
C ASP A 160 -19.77 6.56 -4.63
N PHE A 161 -19.83 7.90 -4.62
CA PHE A 161 -18.71 8.71 -4.19
C PHE A 161 -18.63 8.78 -2.66
N MET A 162 -19.80 8.78 -1.99
CA MET A 162 -19.86 8.84 -0.54
C MET A 162 -19.51 7.50 0.12
N GLU A 163 -19.99 6.37 -0.45
CA GLU A 163 -20.02 5.08 0.21
C GLU A 163 -18.63 4.51 0.55
N PRO A 164 -17.62 4.55 -0.35
CA PRO A 164 -16.29 3.99 -0.03
C PRO A 164 -15.64 4.53 1.25
N LYS A 165 -15.91 5.81 1.57
CA LYS A 165 -15.43 6.40 2.82
C LYS A 165 -15.90 5.56 4.02
N PHE A 166 -17.19 5.21 4.04
CA PHE A 166 -17.74 4.39 5.12
C PHE A 166 -17.08 3.03 5.17
N GLU A 167 -16.89 2.41 3.99
CA GLU A 167 -16.32 1.08 3.86
C GLU A 167 -14.93 1.07 4.47
N PHE A 168 -14.14 2.10 4.20
CA PHE A 168 -12.86 2.24 4.86
C PHE A 168 -13.02 2.38 6.38
N ALA A 169 -13.87 3.34 6.78
CA ALA A 169 -13.99 3.71 8.19
C ALA A 169 -14.31 2.50 9.07
N VAL A 170 -15.26 1.67 8.61
CA VAL A 170 -15.69 0.51 9.38
C VAL A 170 -14.49 -0.40 9.65
N LYS A 171 -13.70 -0.66 8.61
CA LYS A 171 -12.50 -1.47 8.76
C LYS A 171 -11.52 -0.80 9.72
N PHE A 172 -11.16 0.47 9.47
CA PHE A 172 -10.17 1.18 10.27
C PHE A 172 -10.58 1.29 11.75
N ASN A 173 -11.86 1.53 12.02
CA ASN A 173 -12.32 1.76 13.37
C ASN A 173 -12.25 0.49 14.20
N ALA A 174 -12.14 -0.66 13.53
CA ALA A 174 -12.06 -1.94 14.22
C ALA A 174 -10.76 -2.05 15.01
N LEU A 175 -9.75 -1.22 14.67
CA LEU A 175 -8.48 -1.21 15.39
C LEU A 175 -8.67 -0.56 16.75
N GLU A 176 -9.73 0.23 16.90
CA GLU A 176 -10.06 0.91 18.15
C GLU A 176 -8.92 1.82 18.60
N LEU A 177 -8.38 2.62 17.68
CA LEU A 177 -7.40 3.63 18.06
C LEU A 177 -8.10 4.74 18.83
N ASP A 178 -7.38 5.33 19.78
CA ASP A 178 -7.85 6.56 20.38
C ASP A 178 -6.98 7.70 19.84
N ASP A 179 -7.30 8.93 20.26
CA ASP A 179 -6.73 10.15 19.70
C ASP A 179 -5.21 10.20 19.86
N SER A 180 -4.72 9.78 21.04
CA SER A 180 -3.31 9.77 21.35
C SER A 180 -2.55 8.90 20.36
N ASP A 181 -3.20 7.83 19.87
CA ASP A 181 -2.60 6.94 18.88
C ASP A 181 -2.58 7.63 17.53
N LEU A 182 -3.73 8.20 17.14
CA LEU A 182 -3.92 8.82 15.83
C LEU A 182 -2.98 10.02 15.65
N ALA A 183 -2.75 10.79 16.72
CA ALA A 183 -1.84 11.94 16.64
C ALA A 183 -0.50 11.50 16.06
N ILE A 184 0.04 10.38 16.55
CA ILE A 184 1.34 9.91 16.09
C ILE A 184 1.25 9.29 14.68
N PHE A 185 0.18 8.54 14.42
CA PHE A 185 -0.06 7.93 13.12
C PHE A 185 -0.15 8.96 12.02
N ILE A 186 -0.88 10.04 12.28
CA ILE A 186 -1.09 11.11 11.30
C ILE A 186 0.26 11.76 10.96
N ALA A 187 1.14 11.88 11.96
CA ALA A 187 2.47 12.46 11.80
C ALA A 187 3.35 11.57 10.91
N VAL A 188 3.33 10.25 11.14
CA VAL A 188 4.04 9.26 10.33
C VAL A 188 3.62 9.40 8.86
N ILE A 189 2.31 9.47 8.58
CA ILE A 189 1.83 9.66 7.23
C ILE A 189 2.47 10.88 6.58
N ILE A 190 2.47 12.03 7.28
CA ILE A 190 2.91 13.27 6.68
C ILE A 190 4.39 13.14 6.30
N LEU A 191 5.19 12.57 7.20
CA LEU A 191 6.62 12.44 7.01
C LEU A 191 6.95 11.15 6.23
N SER A 192 6.34 11.00 5.07
CA SER A 192 6.66 9.93 4.15
C SER A 192 7.75 10.38 3.17
N GLY A 193 8.92 9.73 3.23
CA GLY A 193 10.01 10.00 2.30
C GLY A 193 9.78 9.45 0.89
N ASP A 194 8.70 8.68 0.68
CA ASP A 194 8.47 8.01 -0.58
C ASP A 194 7.57 8.82 -1.50
N ARG A 195 7.29 10.09 -1.14
CA ARG A 195 6.43 10.93 -1.93
C ARG A 195 7.15 11.35 -3.20
N PRO A 196 6.42 11.47 -4.34
CA PRO A 196 7.04 11.93 -5.59
C PRO A 196 7.60 13.34 -5.51
N GLY A 197 8.84 13.52 -6.00
CA GLY A 197 9.40 14.84 -6.26
C GLY A 197 10.10 15.45 -5.06
N LEU A 198 10.30 14.65 -3.99
CA LEU A 198 10.96 15.14 -2.80
C LEU A 198 12.42 15.41 -3.16
N LEU A 199 12.94 16.54 -2.70
CA LEU A 199 14.33 16.92 -2.94
C LEU A 199 15.25 16.25 -1.94
N ASN A 200 14.86 16.18 -0.65
CA ASN A 200 15.74 15.68 0.39
C ASN A 200 15.02 14.63 1.23
N VAL A 201 15.13 13.38 0.82
CA VAL A 201 14.45 12.29 1.48
C VAL A 201 15.04 11.99 2.86
N LYS A 202 16.34 12.16 3.04
CA LYS A 202 17.01 11.64 4.22
C LYS A 202 16.50 12.28 5.50
N PRO A 203 16.44 13.62 5.60
CA PRO A 203 15.94 14.28 6.82
C PRO A 203 14.48 13.95 7.12
N ILE A 204 13.69 13.69 6.07
CA ILE A 204 12.32 13.25 6.22
C ILE A 204 12.27 11.86 6.88
N GLU A 205 13.11 10.93 6.42
CA GLU A 205 13.11 9.58 6.97
C GLU A 205 13.63 9.56 8.41
N ASP A 206 14.56 10.46 8.72
CA ASP A 206 15.11 10.57 10.08
C ASP A 206 14.01 10.99 11.07
N ILE A 207 13.16 11.93 10.64
CA ILE A 207 12.02 12.31 11.46
C ILE A 207 11.05 11.14 11.53
N GLN A 208 10.72 10.52 10.39
CA GLN A 208 9.73 9.45 10.40
C GLN A 208 10.18 8.31 11.31
N ASP A 209 11.49 8.04 11.36
CA ASP A 209 12.01 6.97 12.19
C ASP A 209 11.67 7.23 13.65
N ASN A 210 11.85 8.49 14.07
CA ASN A 210 11.50 8.89 15.43
C ASN A 210 10.00 8.74 15.69
N LEU A 211 9.18 9.21 14.75
CA LEU A 211 7.74 9.08 14.85
C LEU A 211 7.33 7.60 14.91
N LEU A 212 7.96 6.75 14.10
CA LEU A 212 7.65 5.32 14.10
C LEU A 212 8.02 4.69 15.44
N GLN A 213 9.20 5.03 15.96
CA GLN A 213 9.58 4.60 17.31
C GLN A 213 8.54 5.04 18.35
N ALA A 214 8.10 6.30 18.25
CA ALA A 214 7.12 6.85 19.19
C ALA A 214 5.80 6.08 19.07
N LEU A 215 5.38 5.81 17.83
CA LEU A 215 4.14 5.11 17.58
C LEU A 215 4.17 3.69 18.13
N GLU A 216 5.31 3.00 17.97
CA GLU A 216 5.43 1.62 18.36
C GLU A 216 5.31 1.46 19.88
N LEU A 217 6.04 2.31 20.61
CA LEU A 217 5.98 2.31 22.06
C LEU A 217 4.59 2.72 22.53
N GLN A 218 4.00 3.76 21.90
CA GLN A 218 2.66 4.19 22.25
C GLN A 218 1.69 3.02 22.18
N LEU A 219 1.71 2.28 21.06
CA LEU A 219 0.78 1.20 20.82
C LEU A 219 1.02 0.03 21.78
N LYS A 220 2.28 -0.24 22.14
CA LYS A 220 2.54 -1.32 23.06
C LYS A 220 2.02 -0.96 24.45
N LEU A 221 2.16 0.31 24.86
CA LEU A 221 1.75 0.73 26.20
C LEU A 221 0.23 0.90 26.26
N ASN A 222 -0.38 1.42 25.20
CA ASN A 222 -1.78 1.80 25.24
C ASN A 222 -2.66 0.63 24.79
N HIS A 223 -2.07 -0.38 24.15
CA HIS A 223 -2.81 -1.54 23.68
C HIS A 223 -1.98 -2.80 23.90
N PRO A 224 -1.65 -3.16 25.18
CA PRO A 224 -0.68 -4.22 25.43
C PRO A 224 -1.19 -5.60 25.03
N GLU A 225 -2.52 -5.76 24.99
CA GLU A 225 -3.15 -7.03 24.65
C GLU A 225 -3.31 -7.21 23.15
N SER A 226 -3.10 -6.14 22.36
CA SER A 226 -3.37 -6.14 20.94
C SER A 226 -2.08 -6.41 20.16
N SER A 227 -1.83 -7.68 19.82
CA SER A 227 -0.55 -8.10 19.27
C SER A 227 -0.39 -7.52 17.87
N GLN A 228 0.85 -7.05 17.58
CA GLN A 228 1.25 -6.57 16.27
C GLN A 228 0.29 -5.49 15.75
N LEU A 229 -0.27 -4.67 16.66
CA LEU A 229 -1.13 -3.57 16.27
C LEU A 229 -0.34 -2.55 15.45
N PHE A 230 0.93 -2.36 15.82
CA PHE A 230 1.82 -1.50 15.05
C PHE A 230 1.81 -1.89 13.57
N ALA A 231 2.15 -3.16 13.31
CA ALA A 231 2.21 -3.69 11.96
C ALA A 231 0.85 -3.57 11.25
N LYS A 232 -0.24 -3.87 11.97
CA LYS A 232 -1.56 -3.84 11.37
C LYS A 232 -1.94 -2.40 11.01
N LEU A 233 -1.53 -1.44 11.87
CA LEU A 233 -1.77 -0.05 11.57
C LEU A 233 -1.03 0.41 10.31
N LEU A 234 0.24 0.00 10.14
CA LEU A 234 0.99 0.37 8.94
C LEU A 234 0.38 -0.27 7.70
N GLN A 235 -0.17 -1.47 7.82
CA GLN A 235 -0.79 -2.15 6.69
C GLN A 235 -2.02 -1.36 6.23
N LYS A 236 -2.58 -0.51 7.11
CA LYS A 236 -3.71 0.34 6.74
C LYS A 236 -3.29 1.49 5.82
N MET A 237 -2.02 1.92 5.90
CA MET A 237 -1.52 2.92 4.99
C MET A 237 -1.67 2.42 3.56
N THR A 238 -1.74 1.10 3.37
CA THR A 238 -2.01 0.53 2.05
C THR A 238 -3.44 0.88 1.65
N ASP A 239 -4.39 0.56 2.51
CA ASP A 239 -5.80 0.81 2.21
C ASP A 239 -6.02 2.30 1.92
N LEU A 240 -5.24 3.19 2.59
CA LEU A 240 -5.39 4.63 2.40
C LEU A 240 -4.96 5.05 1.00
N ARG A 241 -3.77 4.60 0.59
CA ARG A 241 -3.22 4.97 -0.70
C ARG A 241 -4.18 4.56 -1.83
N GLN A 242 -4.73 3.35 -1.72
CA GLN A 242 -5.66 2.83 -2.72
C GLN A 242 -6.90 3.73 -2.79
N ILE A 243 -7.47 4.09 -1.64
CA ILE A 243 -8.75 4.78 -1.62
C ILE A 243 -8.61 6.24 -2.09
N VAL A 244 -7.43 6.85 -1.83
CA VAL A 244 -7.14 8.18 -2.35
C VAL A 244 -7.09 8.14 -3.89
N THR A 245 -6.57 7.04 -4.44
CA THR A 245 -6.47 6.90 -5.89
C THR A 245 -7.87 6.83 -6.48
N GLU A 246 -8.71 5.93 -5.96
CA GLU A 246 -10.08 5.80 -6.42
C GLU A 246 -10.81 7.13 -6.31
N HIS A 247 -10.57 7.85 -5.20
CA HIS A 247 -11.19 9.13 -4.94
C HIS A 247 -10.94 10.10 -6.09
N VAL A 248 -9.68 10.29 -6.43
CA VAL A 248 -9.26 11.23 -7.47
C VAL A 248 -9.90 10.84 -8.80
N GLN A 249 -9.80 9.57 -9.17
CA GLN A 249 -10.41 9.04 -10.39
C GLN A 249 -11.91 9.31 -10.41
N LEU A 250 -12.56 9.30 -9.24
CA LEU A 250 -14.00 9.44 -9.23
C LEU A 250 -14.37 10.91 -9.35
N LEU A 251 -13.55 11.76 -8.75
CA LEU A 251 -13.75 13.19 -8.83
C LEU A 251 -13.63 13.65 -10.28
N GLN A 252 -12.58 13.21 -10.97
CA GLN A 252 -12.34 13.58 -12.36
C GLN A 252 -13.57 13.23 -13.21
N VAL A 253 -14.16 12.05 -13.02
CA VAL A 253 -15.35 11.64 -13.75
C VAL A 253 -16.52 12.57 -13.46
N ILE A 254 -16.58 13.11 -12.23
CA ILE A 254 -17.65 14.03 -11.82
C ILE A 254 -17.46 15.37 -12.51
N LYS A 255 -16.24 15.93 -12.48
CA LYS A 255 -15.98 17.24 -13.08
C LYS A 255 -16.38 17.21 -14.57
N LYS A 256 -16.09 16.10 -15.26
CA LYS A 256 -16.32 16.01 -16.69
C LYS A 256 -17.82 15.96 -16.99
N THR A 257 -18.63 15.60 -15.99
CA THR A 257 -20.07 15.52 -16.18
C THR A 257 -20.71 16.80 -15.66
N GLU A 258 -20.31 17.21 -14.46
CA GLU A 258 -20.88 18.35 -13.76
C GLU A 258 -20.00 19.56 -14.02
N THR A 259 -20.19 20.20 -15.17
CA THR A 259 -19.38 21.34 -15.57
C THR A 259 -19.84 22.60 -14.85
N ASP A 260 -21.04 22.57 -14.23
CA ASP A 260 -21.56 23.65 -13.41
C ASP A 260 -20.80 23.76 -12.08
N MET A 261 -20.17 22.67 -11.65
CA MET A 261 -19.73 22.54 -10.27
C MET A 261 -18.23 22.83 -10.17
N SER A 262 -17.81 23.44 -9.05
CA SER A 262 -16.47 24.00 -8.96
C SER A 262 -15.80 23.60 -7.65
N LEU A 263 -14.46 23.63 -7.67
CA LEU A 263 -13.64 23.14 -6.57
C LEU A 263 -12.74 24.25 -6.05
N HIS A 264 -12.46 24.22 -4.75
CA HIS A 264 -11.63 25.22 -4.11
C HIS A 264 -10.22 25.16 -4.74
N PRO A 265 -9.56 26.31 -5.02
CA PRO A 265 -8.24 26.31 -5.63
C PRO A 265 -7.23 25.42 -4.88
N LEU A 266 -7.33 25.47 -3.55
CA LEU A 266 -6.52 24.66 -2.65
C LEU A 266 -6.62 23.16 -2.96
N LEU A 267 -7.83 22.65 -3.20
CA LEU A 267 -8.05 21.26 -3.59
C LEU A 267 -7.64 21.03 -5.03
N GLN A 268 -8.04 21.95 -5.92
CA GLN A 268 -7.61 21.93 -7.32
C GLN A 268 -6.09 21.72 -7.41
N GLU A 269 -5.35 22.54 -6.63
CA GLU A 269 -3.91 22.52 -6.61
C GLU A 269 -3.39 21.18 -6.08
N ILE A 270 -3.97 20.70 -4.96
CA ILE A 270 -3.56 19.40 -4.43
C ILE A 270 -3.74 18.33 -5.51
N TYR A 271 -4.84 18.38 -6.27
CA TYR A 271 -5.13 17.35 -7.25
C TYR A 271 -4.16 17.41 -8.44
N LYS A 272 -3.70 18.62 -8.81
CA LYS A 272 -2.80 18.80 -9.93
C LYS A 272 -1.64 17.81 -9.81
N ASP A 273 -1.61 16.83 -10.72
CA ASP A 273 -0.58 15.79 -10.77
C ASP A 273 -0.71 14.89 -9.54
N GLU B 5 9.29 -17.07 23.84
CA GLU B 5 8.90 -17.56 22.49
C GLU B 5 9.89 -17.13 21.40
N SER B 6 10.93 -16.35 21.75
CA SER B 6 11.98 -15.98 20.80
C SER B 6 12.43 -17.18 19.97
N ALA B 7 12.68 -18.30 20.65
CA ALA B 7 13.13 -19.54 20.03
C ALA B 7 12.16 -20.00 18.94
N ASP B 8 10.86 -19.94 19.22
CA ASP B 8 9.84 -20.39 18.26
C ASP B 8 9.84 -19.49 17.02
N LEU B 9 10.15 -18.21 17.21
CA LEU B 9 10.21 -17.27 16.12
C LEU B 9 11.46 -17.52 15.27
N ARG B 10 12.58 -17.83 15.95
CA ARG B 10 13.81 -18.19 15.25
C ARG B 10 13.62 -19.51 14.49
N ALA B 11 12.91 -20.46 15.10
CA ALA B 11 12.64 -21.75 14.48
C ALA B 11 11.81 -21.56 13.20
N LEU B 12 10.78 -20.72 13.31
CA LEU B 12 9.92 -20.40 12.20
C LEU B 12 10.72 -19.70 11.10
N ALA B 13 11.63 -18.80 11.49
CA ALA B 13 12.49 -18.10 10.55
C ALA B 13 13.35 -19.09 9.76
N LYS B 14 13.99 -20.02 10.47
CA LYS B 14 14.87 -20.99 9.84
C LYS B 14 14.05 -21.94 8.96
N HIS B 15 12.88 -22.36 9.42
CA HIS B 15 12.04 -23.27 8.66
C HIS B 15 11.68 -22.66 7.31
N LEU B 16 11.34 -21.37 7.32
CA LEU B 16 10.97 -20.67 6.11
C LEU B 16 12.21 -20.46 5.24
N TYR B 17 13.33 -20.07 5.85
CA TYR B 17 14.55 -19.89 5.09
C TYR B 17 14.87 -21.21 4.38
N ASP B 18 14.88 -22.31 5.13
CA ASP B 18 15.22 -23.60 4.55
C ASP B 18 14.33 -23.92 3.36
N SER B 19 13.03 -23.66 3.48
CA SER B 19 12.06 -23.98 2.44
C SER B 19 12.20 -23.07 1.24
N TYR B 20 12.58 -21.80 1.49
CA TYR B 20 12.71 -20.79 0.44
C TYR B 20 13.86 -21.14 -0.48
N ILE B 21 14.96 -21.66 0.09
CA ILE B 21 16.10 -22.15 -0.67
C ILE B 21 15.70 -23.34 -1.58
N LYS B 22 14.91 -24.26 -1.04
CA LYS B 22 14.49 -25.45 -1.76
C LYS B 22 13.53 -25.10 -2.89
N SER B 23 12.73 -24.04 -2.75
CA SER B 23 11.62 -23.78 -3.65
C SER B 23 12.01 -22.92 -4.84
N PHE B 24 12.95 -22.00 -4.62
CA PHE B 24 13.24 -20.99 -5.63
C PHE B 24 14.54 -21.39 -6.33
N PRO B 25 14.65 -21.16 -7.66
CA PRO B 25 15.81 -21.63 -8.41
C PRO B 25 17.08 -20.86 -8.10
N LEU B 26 16.98 -19.53 -8.01
CA LEU B 26 18.14 -18.67 -7.83
C LEU B 26 17.94 -17.79 -6.61
N THR B 27 18.76 -17.98 -5.57
CA THR B 27 18.64 -17.17 -4.37
C THR B 27 19.12 -15.76 -4.66
N LYS B 28 18.80 -14.84 -3.75
CA LYS B 28 19.29 -13.46 -3.85
C LYS B 28 20.82 -13.43 -3.67
N ALA B 29 21.32 -14.21 -2.72
CA ALA B 29 22.76 -14.27 -2.44
C ALA B 29 23.55 -14.62 -3.70
N LYS B 30 23.10 -15.66 -4.43
CA LYS B 30 23.72 -16.06 -5.69
C LYS B 30 23.56 -14.94 -6.73
N ALA B 31 22.36 -14.40 -6.88
CA ALA B 31 22.12 -13.38 -7.89
C ALA B 31 23.02 -12.16 -7.64
N ARG B 32 23.30 -11.84 -6.39
CA ARG B 32 24.13 -10.68 -6.10
C ARG B 32 25.58 -10.95 -6.52
N ALA B 33 26.07 -12.15 -6.20
CA ALA B 33 27.40 -12.57 -6.62
C ALA B 33 27.55 -12.40 -8.13
N ILE B 34 26.53 -12.80 -8.89
CA ILE B 34 26.64 -12.71 -10.34
C ILE B 34 26.64 -11.23 -10.76
N LEU B 35 25.72 -10.44 -10.22
CA LEU B 35 25.51 -9.08 -10.71
C LEU B 35 26.70 -8.18 -10.39
N THR B 36 27.28 -8.34 -9.20
CA THR B 36 28.39 -7.50 -8.75
C THR B 36 29.69 -7.99 -9.40
N GLY B 37 29.70 -9.24 -9.88
CA GLY B 37 30.80 -9.80 -10.66
C GLY B 37 31.87 -10.40 -9.77
N LYS B 38 31.44 -11.32 -8.88
CA LYS B 38 32.26 -11.82 -7.78
C LYS B 38 31.99 -13.32 -7.58
N LYS B 42 31.67 -17.55 -13.92
CA LYS B 42 31.03 -18.05 -15.17
C LYS B 42 30.19 -16.94 -15.79
N SER B 43 30.84 -15.84 -16.18
CA SER B 43 30.16 -14.65 -16.65
C SER B 43 28.90 -14.99 -17.46
N PRO B 44 27.74 -14.38 -17.12
CA PRO B 44 26.50 -14.58 -17.87
C PRO B 44 26.48 -13.98 -19.28
N PHE B 45 25.68 -14.59 -20.16
CA PHE B 45 25.49 -14.05 -21.49
C PHE B 45 24.73 -12.74 -21.38
N VAL B 46 25.19 -11.68 -22.06
CA VAL B 46 24.54 -10.38 -21.95
C VAL B 46 23.71 -10.06 -23.18
N ILE B 47 22.45 -9.67 -22.95
CA ILE B 47 21.58 -9.25 -24.04
C ILE B 47 21.38 -7.76 -23.89
N TYR B 48 21.88 -6.98 -24.88
CA TYR B 48 21.84 -5.53 -24.84
C TYR B 48 21.19 -4.99 -26.10
N ASP B 49 20.81 -5.87 -27.05
CA ASP B 49 20.25 -5.40 -28.32
C ASP B 49 19.70 -6.59 -29.12
N MET B 50 19.15 -6.31 -30.31
CA MET B 50 18.54 -7.35 -31.14
C MET B 50 19.49 -8.50 -31.44
N ASN B 51 20.70 -8.21 -31.94
CA ASN B 51 21.58 -9.26 -32.44
C ASN B 51 21.98 -10.20 -31.30
N SER B 52 22.23 -9.60 -30.13
CA SER B 52 22.65 -10.37 -28.97
C SER B 52 21.48 -11.20 -28.43
N LEU B 53 20.26 -10.70 -28.67
CA LEU B 53 19.08 -11.49 -28.34
C LEU B 53 19.11 -12.74 -29.20
N MET B 54 19.20 -12.57 -30.53
CA MET B 54 19.18 -13.68 -31.46
C MET B 54 20.26 -14.71 -31.12
N MET B 55 21.42 -14.26 -30.63
CA MET B 55 22.50 -15.17 -30.29
C MET B 55 22.16 -15.88 -28.98
N GLY B 56 21.61 -15.11 -28.02
CA GLY B 56 21.39 -15.59 -26.66
C GLY B 56 20.38 -16.74 -26.57
N GLU B 57 19.44 -16.81 -27.53
CA GLU B 57 18.48 -17.89 -27.56
C GLU B 57 19.16 -19.12 -28.15
N ASP B 58 19.91 -18.92 -29.24
CA ASP B 58 20.67 -19.99 -29.87
C ASP B 58 21.77 -20.51 -28.94
N LYS B 59 22.10 -19.75 -27.88
CA LYS B 59 23.11 -20.16 -26.91
C LYS B 59 22.44 -20.78 -25.68
N ILE B 60 21.49 -20.07 -25.06
CA ILE B 60 20.91 -20.55 -23.82
C ILE B 60 19.75 -21.51 -24.11
N LYS B 61 19.05 -21.37 -25.26
CA LYS B 61 17.84 -22.13 -25.56
C LYS B 61 16.81 -21.83 -24.46
N PHE B 62 16.26 -20.62 -24.51
CA PHE B 62 15.12 -20.26 -23.67
C PHE B 62 13.96 -21.20 -24.00
N LYS B 63 13.32 -21.74 -22.96
CA LYS B 63 12.35 -22.82 -23.15
C LYS B 63 10.98 -22.26 -23.58
N HIS B 64 10.89 -20.92 -23.78
CA HIS B 64 9.62 -20.27 -24.09
C HIS B 64 9.47 -19.87 -25.57
N ILE B 65 10.41 -20.27 -26.45
CA ILE B 65 10.46 -19.78 -27.84
C ILE B 65 9.58 -20.66 -28.74
N THR B 66 8.44 -20.11 -29.17
CA THR B 66 7.31 -20.90 -29.66
C THR B 66 6.87 -20.44 -31.04
N PRO B 67 6.83 -21.35 -32.05
CA PRO B 67 6.27 -21.02 -33.36
C PRO B 67 4.94 -20.26 -33.26
N SER B 72 4.08 -15.03 -33.54
CA SER B 72 4.60 -13.63 -33.60
C SER B 72 6.13 -13.64 -33.63
N LYS B 73 6.69 -12.89 -34.60
CA LYS B 73 8.14 -12.79 -34.80
C LYS B 73 8.70 -11.52 -34.14
N GLU B 74 7.85 -10.56 -33.77
CA GLU B 74 8.33 -9.25 -33.35
C GLU B 74 8.97 -9.35 -31.96
N VAL B 75 10.12 -8.68 -31.79
CA VAL B 75 11.01 -8.87 -30.67
C VAL B 75 10.39 -8.43 -29.34
N ALA B 76 9.66 -7.31 -29.36
CA ALA B 76 9.13 -6.76 -28.13
C ALA B 76 8.11 -7.74 -27.55
N ILE B 77 7.35 -8.37 -28.45
CA ILE B 77 6.33 -9.33 -28.08
C ILE B 77 6.96 -10.59 -27.52
N ARG B 78 8.06 -11.06 -28.13
CA ARG B 78 8.68 -12.32 -27.74
C ARG B 78 9.39 -12.18 -26.40
N ILE B 79 9.87 -10.97 -26.10
CA ILE B 79 10.44 -10.72 -24.78
C ILE B 79 9.31 -10.70 -23.74
N PHE B 80 8.20 -10.06 -24.11
CA PHE B 80 7.07 -9.95 -23.21
C PHE B 80 6.58 -11.34 -22.83
N GLN B 81 6.37 -12.19 -23.84
CA GLN B 81 5.90 -13.55 -23.67
C GLN B 81 6.88 -14.38 -22.85
N GLY B 82 8.17 -14.04 -22.92
CA GLY B 82 9.18 -14.71 -22.11
C GLY B 82 8.99 -14.43 -20.63
N CYS B 83 8.68 -13.17 -20.29
CA CYS B 83 8.38 -12.77 -18.92
C CYS B 83 7.13 -13.50 -18.40
N GLN B 84 6.12 -13.62 -19.26
CA GLN B 84 4.91 -14.38 -18.94
C GLN B 84 5.23 -15.83 -18.59
N PHE B 85 5.97 -16.53 -19.47
CA PHE B 85 6.37 -17.92 -19.25
C PHE B 85 7.03 -18.04 -17.89
N ARG B 86 7.96 -17.12 -17.56
CA ARG B 86 8.71 -17.22 -16.33
C ARG B 86 7.81 -16.97 -15.12
N SER B 87 6.83 -16.05 -15.26
CA SER B 87 5.91 -15.72 -14.19
C SER B 87 5.00 -16.90 -13.85
N VAL B 88 4.57 -17.65 -14.87
CA VAL B 88 3.84 -18.88 -14.67
C VAL B 88 4.66 -19.90 -13.90
N GLU B 89 5.96 -20.00 -14.16
CA GLU B 89 6.79 -20.90 -13.36
C GLU B 89 6.86 -20.41 -11.91
N ALA B 90 7.04 -19.09 -11.72
CA ALA B 90 7.17 -18.52 -10.38
C ALA B 90 5.91 -18.80 -9.54
N VAL B 91 4.72 -18.69 -10.15
CA VAL B 91 3.48 -19.02 -9.47
C VAL B 91 3.57 -20.39 -8.80
N GLN B 92 4.01 -21.41 -9.56
CA GLN B 92 4.11 -22.76 -9.04
C GLN B 92 5.18 -22.86 -7.96
N GLU B 93 6.27 -22.11 -8.08
CA GLU B 93 7.28 -22.11 -7.03
C GLU B 93 6.72 -21.50 -5.76
N ILE B 94 6.02 -20.37 -5.88
CA ILE B 94 5.42 -19.69 -4.75
C ILE B 94 4.35 -20.58 -4.10
N THR B 95 3.59 -21.29 -4.92
CA THR B 95 2.54 -22.18 -4.44
C THR B 95 3.14 -23.32 -3.61
N GLU B 96 4.32 -23.78 -4.01
CA GLU B 96 4.97 -24.87 -3.31
C GLU B 96 5.51 -24.35 -1.99
N TYR B 97 6.20 -23.21 -2.03
CA TYR B 97 6.70 -22.51 -0.86
C TYR B 97 5.57 -22.28 0.15
N ALA B 98 4.43 -21.76 -0.31
CA ALA B 98 3.29 -21.50 0.57
C ALA B 98 2.89 -22.71 1.40
N LYS B 99 2.91 -23.89 0.77
CA LYS B 99 2.51 -25.14 1.38
C LYS B 99 3.40 -25.44 2.59
N SER B 100 4.59 -24.82 2.67
CA SER B 100 5.49 -25.05 3.79
C SER B 100 5.29 -24.07 4.96
N ILE B 101 4.46 -23.03 4.77
CA ILE B 101 4.23 -22.06 5.83
C ILE B 101 3.35 -22.71 6.88
N PRO B 102 3.77 -22.79 8.16
CA PRO B 102 2.97 -23.43 9.22
C PRO B 102 1.56 -22.87 9.29
N GLY B 103 0.58 -23.76 9.16
CA GLY B 103 -0.83 -23.41 9.28
C GLY B 103 -1.53 -23.27 7.92
N PHE B 104 -0.77 -23.10 6.82
CA PHE B 104 -1.35 -22.69 5.54
C PHE B 104 -2.23 -23.81 4.97
N VAL B 105 -1.75 -25.06 5.01
CA VAL B 105 -2.43 -26.16 4.35
C VAL B 105 -3.68 -26.54 5.14
N ASN B 106 -3.78 -26.05 6.39
CA ASN B 106 -4.92 -26.35 7.23
C ASN B 106 -6.04 -25.33 7.05
N LEU B 107 -5.80 -24.28 6.27
CA LEU B 107 -6.85 -23.33 5.98
C LEU B 107 -7.85 -23.96 5.03
N ASP B 108 -9.11 -23.49 5.07
CA ASP B 108 -10.10 -23.72 4.03
C ASP B 108 -9.45 -23.66 2.64
N LEU B 109 -9.79 -24.63 1.80
CA LEU B 109 -9.12 -24.84 0.52
C LEU B 109 -9.37 -23.66 -0.41
N ASN B 110 -10.59 -23.13 -0.39
CA ASN B 110 -10.92 -21.95 -1.19
C ASN B 110 -10.08 -20.75 -0.74
N ASP B 111 -9.80 -20.64 0.56
CA ASP B 111 -9.04 -19.52 1.08
C ASP B 111 -7.59 -19.62 0.63
N GLN B 112 -7.04 -20.85 0.62
CA GLN B 112 -5.71 -21.10 0.09
C GLN B 112 -5.63 -20.60 -1.36
N VAL B 113 -6.64 -20.91 -2.16
CA VAL B 113 -6.65 -20.53 -3.55
C VAL B 113 -6.75 -19.01 -3.68
N THR B 114 -7.65 -18.41 -2.92
CA THR B 114 -7.80 -16.95 -2.89
C THR B 114 -6.50 -16.25 -2.51
N LEU B 115 -5.83 -16.72 -1.45
CA LEU B 115 -4.62 -16.08 -0.95
C LEU B 115 -3.55 -16.07 -2.04
N LEU B 116 -3.37 -17.23 -2.71
CA LEU B 116 -2.36 -17.37 -3.73
C LEU B 116 -2.72 -16.54 -4.96
N LYS B 117 -4.00 -16.52 -5.32
CA LYS B 117 -4.46 -15.78 -6.48
C LYS B 117 -4.14 -14.28 -6.36
N TYR B 118 -4.36 -13.72 -5.16
CA TYR B 118 -4.15 -12.29 -4.97
C TYR B 118 -2.75 -11.96 -4.46
N GLY B 119 -1.94 -12.96 -4.11
CA GLY B 119 -0.62 -12.71 -3.54
C GLY B 119 0.51 -12.75 -4.58
N VAL B 120 0.32 -13.58 -5.63
CA VAL B 120 1.45 -14.07 -6.41
C VAL B 120 2.08 -12.88 -7.14
N HIS B 121 1.24 -11.94 -7.58
CA HIS B 121 1.72 -10.77 -8.30
C HIS B 121 2.67 -9.94 -7.42
N GLU B 122 2.29 -9.71 -6.18
CA GLU B 122 3.09 -8.92 -5.26
C GLU B 122 4.38 -9.65 -4.97
N ILE B 123 4.33 -10.99 -4.95
CA ILE B 123 5.50 -11.79 -4.61
C ILE B 123 6.47 -11.88 -5.79
N ILE B 124 5.93 -11.93 -7.01
CA ILE B 124 6.77 -11.98 -8.18
C ILE B 124 7.56 -10.68 -8.28
N TYR B 125 6.90 -9.52 -8.12
CA TYR B 125 7.56 -8.21 -8.10
C TYR B 125 8.66 -8.15 -7.05
N THR B 126 8.33 -8.55 -5.83
CA THR B 126 9.29 -8.48 -4.74
C THR B 126 10.54 -9.28 -5.09
N MET B 127 10.34 -10.51 -5.58
CA MET B 127 11.44 -11.45 -5.73
C MET B 127 12.21 -11.11 -7.01
N LEU B 128 11.53 -10.53 -7.99
CA LEU B 128 12.14 -10.06 -9.21
C LEU B 128 13.24 -9.06 -8.88
N ALA B 129 13.05 -8.28 -7.83
CA ALA B 129 14.03 -7.28 -7.44
C ALA B 129 15.33 -7.96 -7.05
N SER B 130 15.25 -9.18 -6.53
CA SER B 130 16.43 -9.92 -6.11
C SER B 130 17.34 -10.18 -7.31
N LEU B 131 16.76 -10.24 -8.53
CA LEU B 131 17.45 -10.59 -9.75
C LEU B 131 17.86 -9.35 -10.54
N MET B 132 17.56 -8.15 -10.01
CA MET B 132 17.73 -6.91 -10.71
C MET B 132 18.73 -6.02 -9.98
N ASN B 133 19.45 -5.21 -10.78
CA ASN B 133 20.09 -4.01 -10.30
C ASN B 133 19.68 -2.86 -11.22
N LYS B 134 20.38 -1.72 -11.10
CA LYS B 134 20.01 -0.52 -11.84
C LYS B 134 20.25 -0.71 -13.34
N ASP B 135 21.00 -1.76 -13.72
CA ASP B 135 21.47 -1.88 -15.09
C ASP B 135 20.80 -3.02 -15.86
N GLY B 136 20.21 -3.99 -15.13
CA GLY B 136 19.46 -5.05 -15.80
C GLY B 136 19.04 -6.17 -14.87
N VAL B 137 18.67 -7.31 -15.48
CA VAL B 137 18.00 -8.40 -14.78
C VAL B 137 18.61 -9.73 -15.19
N LEU B 138 18.85 -10.60 -14.20
CA LEU B 138 19.26 -11.97 -14.44
C LEU B 138 18.11 -12.82 -14.96
N ILE B 139 18.41 -13.69 -15.94
CA ILE B 139 17.47 -14.64 -16.49
C ILE B 139 18.11 -16.03 -16.51
N SER B 140 17.28 -17.08 -16.72
CA SER B 140 17.70 -18.47 -16.81
C SER B 140 18.65 -18.86 -15.69
N GLU B 141 18.21 -18.68 -14.45
CA GLU B 141 18.97 -19.04 -13.26
C GLU B 141 20.33 -18.33 -13.26
N GLY B 142 20.37 -17.13 -13.82
CA GLY B 142 21.56 -16.30 -13.73
C GLY B 142 22.55 -16.56 -14.86
N GLN B 143 22.16 -17.35 -15.85
CA GLN B 143 23.04 -17.66 -16.97
C GLN B 143 22.99 -16.53 -18.00
N GLY B 144 21.93 -15.72 -17.97
CA GLY B 144 21.79 -14.57 -18.83
C GLY B 144 21.60 -13.28 -18.02
N PHE B 145 21.78 -12.14 -18.70
CA PHE B 145 21.60 -10.82 -18.11
C PHE B 145 21.09 -9.91 -19.23
N MET B 146 19.85 -9.41 -19.13
CA MET B 146 19.30 -8.53 -20.15
C MET B 146 19.27 -7.10 -19.60
N THR B 147 19.75 -6.14 -20.40
CA THR B 147 19.99 -4.80 -19.91
C THR B 147 18.65 -4.07 -19.79
N ARG B 148 18.61 -3.19 -18.79
CA ARG B 148 17.52 -2.28 -18.56
C ARG B 148 17.29 -1.41 -19.80
N GLU B 149 18.38 -0.90 -20.40
CA GLU B 149 18.26 0.07 -21.48
C GLU B 149 17.58 -0.58 -22.67
N PHE B 150 17.94 -1.84 -22.94
CA PHE B 150 17.34 -2.57 -24.04
C PHE B 150 15.84 -2.78 -23.78
N LEU B 151 15.48 -3.19 -22.55
CA LEU B 151 14.08 -3.44 -22.20
C LEU B 151 13.25 -2.15 -22.30
N LYS B 152 13.80 -1.07 -21.75
CA LYS B 152 13.14 0.23 -21.77
C LYS B 152 12.94 0.74 -23.20
N SER B 153 13.84 0.36 -24.11
CA SER B 153 13.85 0.90 -25.47
C SER B 153 12.96 0.11 -26.42
N LEU B 154 12.32 -0.96 -25.94
CA LEU B 154 11.33 -1.65 -26.75
C LEU B 154 10.19 -0.69 -27.10
N ARG B 155 9.54 -0.94 -28.24
CA ARG B 155 8.60 0.02 -28.82
C ARG B 155 7.28 0.06 -28.05
N LYS B 156 6.47 1.07 -28.41
CA LYS B 156 5.04 1.12 -28.11
C LYS B 156 4.86 1.01 -26.62
N PRO B 157 3.92 0.15 -26.12
CA PRO B 157 3.67 0.09 -24.69
C PRO B 157 4.68 -0.79 -23.96
N PHE B 158 5.50 -1.54 -24.70
CA PHE B 158 6.33 -2.59 -24.12
C PHE B 158 7.46 -1.99 -23.30
N GLY B 159 8.13 -0.96 -23.84
CA GLY B 159 9.21 -0.32 -23.11
C GLY B 159 8.74 0.20 -21.76
N ASP B 160 7.58 0.86 -21.74
CA ASP B 160 7.00 1.46 -20.54
C ASP B 160 6.41 0.41 -19.62
N PHE B 161 6.18 -0.79 -20.13
CA PHE B 161 5.74 -1.90 -19.29
C PHE B 161 6.90 -2.46 -18.47
N MET B 162 8.11 -2.47 -19.07
CA MET B 162 9.27 -3.07 -18.42
C MET B 162 9.83 -2.16 -17.32
N GLU B 163 9.92 -0.86 -17.61
CA GLU B 163 10.73 0.07 -16.84
C GLU B 163 10.25 0.19 -15.39
N PRO B 164 8.93 0.31 -15.09
CA PRO B 164 8.44 0.38 -13.72
C PRO B 164 8.94 -0.72 -12.77
N LYS B 165 9.22 -1.92 -13.29
CA LYS B 165 9.72 -3.02 -12.47
C LYS B 165 11.11 -2.69 -11.94
N PHE B 166 11.96 -2.09 -12.79
CA PHE B 166 13.30 -1.67 -12.36
C PHE B 166 13.18 -0.54 -11.32
N GLU B 167 12.29 0.41 -11.61
CA GLU B 167 12.10 1.55 -10.72
C GLU B 167 11.76 1.05 -9.31
N PHE B 168 10.84 0.08 -9.23
CA PHE B 168 10.51 -0.56 -7.96
C PHE B 168 11.74 -1.26 -7.38
N ALA B 169 12.41 -2.08 -8.19
CA ALA B 169 13.50 -2.92 -7.72
C ALA B 169 14.61 -2.09 -7.07
N VAL B 170 14.99 -0.99 -7.74
CA VAL B 170 16.05 -0.11 -7.23
C VAL B 170 15.70 0.40 -5.84
N LYS B 171 14.45 0.85 -5.66
CA LYS B 171 14.00 1.36 -4.38
C LYS B 171 13.96 0.24 -3.35
N PHE B 172 13.40 -0.92 -3.72
CA PHE B 172 13.25 -2.03 -2.79
C PHE B 172 14.62 -2.55 -2.34
N ASN B 173 15.54 -2.69 -3.30
CA ASN B 173 16.86 -3.27 -3.03
C ASN B 173 17.69 -2.41 -2.07
N ALA B 174 17.40 -1.10 -2.03
CA ALA B 174 18.06 -0.19 -1.09
C ALA B 174 17.90 -0.64 0.36
N LEU B 175 16.89 -1.46 0.69
CA LEU B 175 16.71 -1.96 2.04
C LEU B 175 17.75 -3.03 2.36
N GLU B 176 18.35 -3.61 1.31
CA GLU B 176 19.42 -4.59 1.45
C GLU B 176 18.93 -5.80 2.26
N LEU B 177 17.75 -6.31 1.91
CA LEU B 177 17.31 -7.55 2.51
C LEU B 177 18.12 -8.72 1.92
N ASP B 178 18.35 -9.73 2.74
CA ASP B 178 18.85 -11.00 2.24
C ASP B 178 17.70 -12.02 2.29
N ASP B 179 17.98 -13.24 1.78
CA ASP B 179 17.03 -14.31 1.58
C ASP B 179 16.35 -14.73 2.88
N SER B 180 17.08 -14.76 4.00
CA SER B 180 16.46 -15.11 5.29
C SER B 180 15.40 -14.08 5.71
N ASP B 181 15.59 -12.83 5.31
CA ASP B 181 14.60 -11.80 5.56
C ASP B 181 13.40 -12.02 4.63
N LEU B 182 13.69 -12.18 3.32
CA LEU B 182 12.66 -12.24 2.30
C LEU B 182 11.76 -13.46 2.51
N ALA B 183 12.33 -14.57 2.99
CA ALA B 183 11.53 -15.77 3.21
C ALA B 183 10.35 -15.43 4.12
N ILE B 184 10.58 -14.62 5.15
CA ILE B 184 9.53 -14.30 6.10
C ILE B 184 8.59 -13.24 5.50
N PHE B 185 9.14 -12.20 4.87
CA PHE B 185 8.36 -11.18 4.20
C PHE B 185 7.37 -11.81 3.20
N ILE B 186 7.85 -12.75 2.37
CA ILE B 186 7.02 -13.36 1.35
C ILE B 186 5.83 -14.07 2.00
N ALA B 187 6.08 -14.74 3.14
CA ALA B 187 5.05 -15.43 3.87
C ALA B 187 3.98 -14.45 4.37
N VAL B 188 4.43 -13.31 4.90
CA VAL B 188 3.55 -12.26 5.39
C VAL B 188 2.61 -11.84 4.27
N ILE B 189 3.14 -11.59 3.06
CA ILE B 189 2.30 -11.21 1.93
C ILE B 189 1.23 -12.25 1.66
N ILE B 190 1.58 -13.54 1.72
CA ILE B 190 0.66 -14.58 1.31
C ILE B 190 -0.52 -14.58 2.28
N LEU B 191 -0.21 -14.46 3.57
CA LEU B 191 -1.19 -14.53 4.64
C LEU B 191 -1.83 -13.16 4.89
N SER B 192 -2.35 -12.51 3.84
CA SER B 192 -3.09 -11.26 3.98
C SER B 192 -4.58 -11.53 4.15
N GLY B 193 -5.14 -11.17 5.31
CA GLY B 193 -6.54 -11.40 5.63
C GLY B 193 -7.50 -10.47 4.90
N ASP B 194 -6.97 -9.48 4.18
CA ASP B 194 -7.81 -8.46 3.56
C ASP B 194 -8.04 -8.77 2.08
N ARG B 195 -7.71 -9.98 1.65
CA ARG B 195 -7.96 -10.33 0.27
C ARG B 195 -9.46 -10.47 0.08
N PRO B 196 -10.00 -10.14 -1.10
CA PRO B 196 -11.43 -10.29 -1.37
C PRO B 196 -11.85 -11.76 -1.38
N GLY B 197 -12.97 -12.05 -0.74
CA GLY B 197 -13.68 -13.31 -0.97
C GLY B 197 -13.21 -14.38 -0.01
N LEU B 198 -12.39 -13.99 0.96
CA LEU B 198 -11.93 -14.91 1.99
C LEU B 198 -13.13 -15.31 2.84
N LEU B 199 -13.21 -16.60 3.19
CA LEU B 199 -14.31 -17.13 3.97
C LEU B 199 -14.00 -17.07 5.47
N ASN B 200 -12.74 -17.28 5.85
CA ASN B 200 -12.40 -17.39 7.25
C ASN B 200 -11.10 -16.63 7.50
N VAL B 201 -11.25 -15.33 7.81
CA VAL B 201 -10.14 -14.40 7.95
C VAL B 201 -9.33 -14.64 9.23
N LYS B 202 -9.98 -15.08 10.30
CA LYS B 202 -9.33 -15.12 11.60
C LYS B 202 -8.05 -15.94 11.57
N PRO B 203 -8.07 -17.22 11.13
CA PRO B 203 -6.87 -18.06 11.16
C PRO B 203 -5.74 -17.50 10.29
N ILE B 204 -6.10 -16.77 9.24
CA ILE B 204 -5.14 -16.16 8.33
C ILE B 204 -4.41 -15.01 9.04
N GLU B 205 -5.15 -14.21 9.80
CA GLU B 205 -4.54 -13.13 10.59
C GLU B 205 -3.74 -13.70 11.76
N ASP B 206 -4.18 -14.80 12.36
CA ASP B 206 -3.43 -15.44 13.43
C ASP B 206 -2.05 -15.86 12.96
N ILE B 207 -1.98 -16.45 11.76
CA ILE B 207 -0.71 -16.89 11.22
C ILE B 207 0.13 -15.66 10.87
N GLN B 208 -0.50 -14.69 10.20
CA GLN B 208 0.21 -13.49 9.78
C GLN B 208 0.80 -12.78 11.01
N ASP B 209 0.12 -12.83 12.16
CA ASP B 209 0.67 -12.25 13.38
C ASP B 209 1.95 -12.95 13.79
N ASN B 210 1.99 -14.30 13.71
CA ASN B 210 3.20 -15.03 14.05
C ASN B 210 4.32 -14.73 13.06
N LEU B 211 3.98 -14.64 11.77
CA LEU B 211 4.98 -14.33 10.76
C LEU B 211 5.54 -12.92 10.95
N LEU B 212 4.69 -11.96 11.33
CA LEU B 212 5.11 -10.59 11.56
C LEU B 212 6.06 -10.51 12.76
N GLN B 213 5.69 -11.20 13.85
CA GLN B 213 6.58 -11.35 14.97
C GLN B 213 7.93 -11.90 14.53
N ALA B 214 7.92 -12.90 13.65
CA ALA B 214 9.17 -13.56 13.27
C ALA B 214 10.02 -12.62 12.43
N LEU B 215 9.35 -11.86 11.57
CA LEU B 215 10.02 -10.92 10.70
C LEU B 215 10.64 -9.79 11.51
N GLU B 216 9.90 -9.31 12.52
CA GLU B 216 10.38 -8.24 13.39
C GLU B 216 11.70 -8.65 14.05
N LEU B 217 11.71 -9.82 14.72
CA LEU B 217 12.85 -10.31 15.44
C LEU B 217 14.00 -10.59 14.47
N GLN B 218 13.67 -11.14 13.31
CA GLN B 218 14.66 -11.43 12.29
C GLN B 218 15.41 -10.15 11.90
N LEU B 219 14.65 -9.09 11.61
CA LEU B 219 15.23 -7.84 11.13
C LEU B 219 16.02 -7.12 12.22
N LYS B 220 15.61 -7.21 13.48
CA LYS B 220 16.38 -6.64 14.58
C LYS B 220 17.74 -7.36 14.69
N LEU B 221 17.72 -8.70 14.65
CA LEU B 221 18.92 -9.50 14.81
C LEU B 221 19.88 -9.36 13.62
N ASN B 222 19.32 -9.34 12.40
CA ASN B 222 20.11 -9.46 11.19
C ASN B 222 20.52 -8.07 10.69
N HIS B 223 19.87 -7.03 11.21
CA HIS B 223 20.16 -5.66 10.80
C HIS B 223 20.06 -4.72 12.00
N PRO B 224 20.89 -4.90 13.04
CA PRO B 224 20.69 -4.18 14.31
C PRO B 224 20.87 -2.69 14.13
N GLU B 225 21.63 -2.29 13.10
CA GLU B 225 22.00 -0.89 12.88
C GLU B 225 20.93 -0.15 12.08
N SER B 226 20.00 -0.91 11.50
CA SER B 226 19.01 -0.36 10.57
C SER B 226 17.71 -0.15 11.34
N SER B 227 17.55 1.04 11.95
CA SER B 227 16.40 1.36 12.80
C SER B 227 15.11 1.31 11.98
N GLN B 228 14.05 0.79 12.62
CA GLN B 228 12.71 0.77 12.06
C GLN B 228 12.70 0.19 10.65
N LEU B 229 13.55 -0.81 10.37
CA LEU B 229 13.57 -1.47 9.08
C LEU B 229 12.27 -2.26 8.88
N PHE B 230 11.77 -2.84 9.98
CA PHE B 230 10.49 -3.53 9.95
C PHE B 230 9.42 -2.61 9.34
N ALA B 231 9.27 -1.44 9.96
CA ALA B 231 8.27 -0.47 9.54
C ALA B 231 8.48 -0.13 8.07
N LYS B 232 9.73 0.09 7.69
CA LYS B 232 10.07 0.54 6.34
C LYS B 232 9.70 -0.55 5.33
N LEU B 233 9.92 -1.81 5.70
CA LEU B 233 9.58 -2.92 4.84
C LEU B 233 8.06 -2.98 4.64
N LEU B 234 7.30 -2.81 5.73
CA LEU B 234 5.83 -2.87 5.65
C LEU B 234 5.32 -1.73 4.80
N GLN B 235 5.99 -0.57 4.83
CA GLN B 235 5.60 0.57 4.00
C GLN B 235 5.73 0.20 2.53
N LYS B 236 6.67 -0.69 2.18
CA LYS B 236 6.81 -1.14 0.81
C LYS B 236 5.60 -1.96 0.34
N MET B 237 4.84 -2.57 1.25
CA MET B 237 3.64 -3.26 0.81
C MET B 237 2.67 -2.26 0.16
N THR B 238 2.79 -0.99 0.52
CA THR B 238 2.07 0.07 -0.16
C THR B 238 2.50 0.12 -1.62
N ASP B 239 3.81 0.31 -1.84
CA ASP B 239 4.36 0.37 -3.18
C ASP B 239 4.01 -0.86 -4.01
N LEU B 240 3.87 -2.03 -3.36
CA LEU B 240 3.60 -3.25 -4.09
C LEU B 240 2.17 -3.23 -4.63
N ARG B 241 1.22 -2.86 -3.77
CA ARG B 241 -0.19 -2.84 -4.14
C ARG B 241 -0.44 -1.90 -5.31
N GLN B 242 0.17 -0.71 -5.22
CA GLN B 242 0.05 0.32 -6.25
C GLN B 242 0.54 -0.23 -7.59
N ILE B 243 1.76 -0.78 -7.61
CA ILE B 243 2.37 -1.17 -8.86
C ILE B 243 1.61 -2.36 -9.45
N VAL B 244 1.12 -3.28 -8.62
CA VAL B 244 0.32 -4.40 -9.13
C VAL B 244 -0.94 -3.89 -9.82
N THR B 245 -1.55 -2.82 -9.29
CA THR B 245 -2.72 -2.21 -9.90
C THR B 245 -2.37 -1.63 -11.27
N GLU B 246 -1.30 -0.85 -11.33
CA GLU B 246 -0.86 -0.30 -12.60
C GLU B 246 -0.58 -1.43 -13.58
N HIS B 247 0.01 -2.51 -13.06
CA HIS B 247 0.42 -3.62 -13.90
C HIS B 247 -0.78 -4.16 -14.67
N VAL B 248 -1.84 -4.46 -13.93
CA VAL B 248 -3.06 -5.02 -14.48
C VAL B 248 -3.66 -4.08 -15.54
N GLN B 249 -3.73 -2.79 -15.22
CA GLN B 249 -4.22 -1.77 -16.15
C GLN B 249 -3.34 -1.70 -17.40
N LEU B 250 -2.04 -1.98 -17.27
CA LEU B 250 -1.15 -1.96 -18.43
C LEU B 250 -1.39 -3.17 -19.33
N LEU B 251 -1.54 -4.36 -18.72
CA LEU B 251 -1.89 -5.57 -19.46
C LEU B 251 -3.19 -5.35 -20.26
N GLN B 252 -4.23 -4.82 -19.59
CA GLN B 252 -5.53 -4.65 -20.24
C GLN B 252 -5.36 -3.84 -21.53
N VAL B 253 -4.57 -2.75 -21.46
CA VAL B 253 -4.32 -1.90 -22.61
C VAL B 253 -3.56 -2.66 -23.72
N ILE B 254 -2.72 -3.63 -23.34
CA ILE B 254 -1.99 -4.43 -24.31
C ILE B 254 -2.98 -5.33 -25.05
N LYS B 255 -3.82 -6.06 -24.29
CA LYS B 255 -4.71 -7.05 -24.87
C LYS B 255 -5.67 -6.38 -25.86
N LYS B 256 -6.16 -5.18 -25.50
CA LYS B 256 -7.10 -4.41 -26.31
C LYS B 256 -6.42 -3.82 -27.55
N THR B 257 -5.07 -3.74 -27.55
CA THR B 257 -4.32 -2.99 -28.54
C THR B 257 -3.62 -3.93 -29.54
N GLU B 258 -2.99 -4.99 -29.03
CA GLU B 258 -2.10 -5.81 -29.81
C GLU B 258 -2.88 -6.90 -30.53
N THR B 259 -3.13 -6.66 -31.83
CA THR B 259 -3.84 -7.60 -32.70
C THR B 259 -2.89 -8.71 -33.19
N ASP B 260 -1.58 -8.52 -33.00
CA ASP B 260 -0.58 -9.51 -33.36
C ASP B 260 -0.10 -10.29 -32.11
N MET B 261 -0.96 -10.45 -31.10
CA MET B 261 -0.58 -11.13 -29.87
C MET B 261 -1.33 -12.46 -29.71
N SER B 262 -1.88 -12.99 -30.81
CA SER B 262 -2.65 -14.22 -30.78
C SER B 262 -1.73 -15.41 -30.54
N LEU B 263 -2.21 -16.38 -29.73
CA LEU B 263 -1.49 -17.62 -29.51
C LEU B 263 -2.48 -18.80 -29.64
N HIS B 264 -1.97 -20.02 -29.50
CA HIS B 264 -2.80 -21.22 -29.48
C HIS B 264 -3.72 -21.14 -28.27
N PRO B 265 -5.03 -21.47 -28.41
CA PRO B 265 -5.96 -21.35 -27.28
C PRO B 265 -5.51 -22.06 -25.99
N LEU B 266 -4.73 -23.13 -26.12
CA LEU B 266 -4.22 -23.86 -24.96
C LEU B 266 -3.15 -23.03 -24.25
N LEU B 267 -2.33 -22.32 -25.03
CA LEU B 267 -1.38 -21.40 -24.43
C LEU B 267 -2.12 -20.29 -23.70
N GLN B 268 -2.99 -19.60 -24.43
CA GLN B 268 -3.80 -18.53 -23.84
C GLN B 268 -4.41 -19.01 -22.54
N GLU B 269 -4.90 -20.27 -22.56
CA GLU B 269 -5.50 -20.86 -21.38
C GLU B 269 -4.46 -20.96 -20.26
N ILE B 270 -3.25 -21.40 -20.59
CA ILE B 270 -2.19 -21.52 -19.60
C ILE B 270 -1.89 -20.14 -19.00
N TYR B 271 -1.94 -19.09 -19.82
CA TYR B 271 -1.56 -17.75 -19.39
C TYR B 271 -2.74 -16.95 -18.83
N LYS B 272 -3.93 -17.55 -18.76
CA LYS B 272 -5.15 -16.83 -18.43
C LYS B 272 -4.99 -15.91 -17.21
N ASP B 273 -4.30 -16.35 -16.15
CA ASP B 273 -4.28 -15.59 -14.90
C ASP B 273 -2.96 -14.80 -14.79
C1 A1IPS C . -23.53 18.86 4.43
O1 A1IPS C . -22.14 18.62 4.63
C2 A1IPS C . -21.73 17.33 4.84
C3 A1IPS C . -22.45 16.20 4.49
C4 A1IPS C . -21.94 14.94 4.74
C5 A1IPS C . -20.71 14.80 5.32
C6 A1IPS C . -19.95 15.92 5.67
C7 A1IPS C . -18.63 15.76 6.36
O2 A1IPS C . -17.63 15.27 5.46
C8 A1IPS C . -16.33 15.36 5.84
C9 A1IPS C . -15.96 15.79 7.10
C10 A1IPS C . -14.61 15.91 7.43
C11 A1IPS C . -14.23 16.35 8.82
O3 A1IPS C . -15.16 16.68 9.59
O4 A1IPS C . -13.02 16.34 9.16
C12 A1IPS C . -13.64 15.59 6.50
C13 A1IPS C . -14.00 15.17 5.24
C14 A1IPS C . -15.35 15.08 4.89
C15 A1IPS C . -15.69 14.54 3.56
N1 A1IPS C . -14.97 14.85 2.49
N2 A1IPS C . -15.47 14.13 1.44
C16 A1IPS C . -14.89 14.19 0.17
O5 A1IPS C . -15.50 13.75 -0.76
C17 A1IPS C . -13.50 14.76 0.12
C18 A1IPS C . -12.49 14.15 0.87
CL1 A1IPS C . -12.80 12.75 1.81
C19 A1IPS C . -11.20 14.63 0.85
C20 A1IPS C . -10.90 15.74 0.08
C21 A1IPS C . -11.88 16.36 -0.66
C22 A1IPS C . -13.19 15.89 -0.64
C23 A1IPS C . -14.22 16.58 -1.50
F1 A1IPS C . -15.39 16.71 -0.92
F2 A1IPS C . -14.47 15.90 -2.60
F3 A1IPS C . -13.84 17.79 -1.89
C24 A1IPS C . -16.49 13.27 1.85
C25 A1IPS C . -17.28 12.34 1.18
C26 A1IPS C . -18.20 11.62 1.91
C27 A1IPS C . -18.34 11.87 3.28
CL2 A1IPS C . -19.52 10.95 4.18
C28 A1IPS C . -17.61 12.82 3.95
C29 A1IPS C . -16.65 13.52 3.22
C30 A1IPS C . -20.47 17.17 5.45
O6 A1IPS C . -19.70 18.27 5.81
C31 A1IPS C . -20.23 19.19 6.76
C1 A1IPS D . 12.88 -13.04 -22.53
O1 A1IPS D . 12.51 -13.36 -21.18
C2 A1IPS D . 12.82 -12.45 -20.20
C3 A1IPS D . 13.29 -11.18 -20.41
C4 A1IPS D . 13.55 -10.34 -19.35
C5 A1IPS D . 13.35 -10.78 -18.07
C6 A1IPS D . 12.87 -12.07 -17.82
C7 A1IPS D . 12.65 -12.53 -16.41
O2 A1IPS D . 11.45 -11.91 -15.91
C8 A1IPS D . 10.99 -12.32 -14.69
C9 A1IPS D . 11.66 -13.26 -13.95
C10 A1IPS D . 11.16 -13.70 -12.74
C11 A1IPS D . 11.92 -14.69 -11.92
O3 A1IPS D . 11.62 -14.84 -10.72
O4 A1IPS D . 12.88 -15.27 -12.44
C12 A1IPS D . 9.97 -13.16 -12.26
C13 A1IPS D . 9.30 -12.20 -13.00
C14 A1IPS D . 9.78 -11.78 -14.24
C15 A1IPS D . 9.06 -10.70 -14.93
N1 A1IPS D . 7.74 -10.67 -14.87
N2 A1IPS D . 7.32 -9.53 -15.50
C16 A1IPS D . 5.96 -9.22 -15.57
O5 A1IPS D . 5.57 -8.43 -16.40
C17 A1IPS D . 5.05 -9.86 -14.59
C18 A1IPS D . 5.20 -9.60 -13.22
CL1 A1IPS D . 6.45 -8.56 -12.63
C19 A1IPS D . 4.36 -10.17 -12.29
C20 A1IPS D . 3.36 -11.03 -12.71
C21 A1IPS D . 3.19 -11.30 -14.06
C22 A1IPS D . 4.03 -10.72 -15.01
C23 A1IPS D . 3.83 -11.02 -16.47
F1 A1IPS D . 4.98 -11.00 -17.15
F2 A1IPS D . 3.12 -10.11 -17.10
F3 A1IPS D . 3.20 -12.18 -16.66
C24 A1IPS D . 8.40 -8.76 -15.91
C25 A1IPS D . 8.50 -7.53 -16.56
C26 A1IPS D . 9.77 -7.03 -16.81
C27 A1IPS D . 10.89 -7.77 -16.44
CL2 A1IPS D . 12.47 -7.10 -16.79
C28 A1IPS D . 10.82 -8.98 -15.82
C29 A1IPS D . 9.53 -9.50 -15.54
C30 A1IPS D . 12.60 -12.90 -18.90
O6 A1IPS D . 12.08 -14.16 -18.66
C31 A1IPS D . 13.03 -15.20 -18.67
#